data_2RHI
#
_entry.id   2RHI
#
_cell.length_a   85.864
_cell.length_b   93.318
_cell.length_c   58.640
_cell.angle_alpha   90.00
_cell.angle_beta   90.00
_cell.angle_gamma   90.00
#
_symmetry.space_group_name_H-M   'P 21 21 2'
#
loop_
_entity.id
_entity.type
_entity.pdbx_description
1 polymer 'Lethal(3)malignant brain tumor-like protein'
2 polymer 'Histone H1.5'
3 non-polymer 'TETRAETHYLENE GLYCOL'
4 non-polymer DI(HYDROXYETHYL)ETHER
5 water water
#
loop_
_entity_poly.entity_id
_entity_poly.type
_entity_poly.pdbx_seq_one_letter_code
_entity_poly.pdbx_strand_id
1 'polypeptide(L)'
;GSPNSPATGEKKECWSWESYLEEQKAITAPVSLFQDSQAVTHNKNGFKLGMKLEGIDPQHPSMYFILTVAEVCGYRLRLH
FDGYSECHDFWVNANSPDIHPAGWFEKTGHKLQPPKGYKEEEFSWSQYLRSTRAQAAPKHLFVSQSHSPPPLGFQVGMKL
EAVDRMNPSLVCVASVTDVVDSRFLVHFDNWDDTYDYWCDPSSPYIHPVGWCQKQGKPLTPPQDYPDPDNFCWEKYLEET
GASAVPTWAFKVRPPHSFLVNMKLEAVDRRNPALIRVASVEDVEDHRIKIHFDGWSHGYDFWIDADHPDIHPAGWCSKTG
HPLQPPLGPREPSSAVDSSGRIVTD
;
A
2 'polypeptide(L)' KATK(MLY) B
#
# COMPACT_ATOMS: atom_id res chain seq x y z
N CYS A 14 18.37 6.02 25.36
CA CYS A 14 18.60 4.93 26.35
C CYS A 14 18.44 3.56 25.69
N TRP A 15 17.21 3.20 25.32
CA TRP A 15 16.97 1.93 24.67
C TRP A 15 17.69 1.93 23.33
N SER A 16 18.39 0.85 23.01
CA SER A 16 19.09 0.77 21.75
C SER A 16 19.05 -0.64 21.22
N TRP A 17 19.10 -0.77 19.90
CA TRP A 17 19.07 -2.09 19.28
C TRP A 17 20.30 -2.91 19.67
N GLU A 18 21.47 -2.29 19.63
CA GLU A 18 22.72 -2.98 19.97
C GLU A 18 22.64 -3.67 21.33
N SER A 19 22.15 -2.97 22.35
CA SER A 19 22.05 -3.56 23.67
C SER A 19 20.96 -4.63 23.73
N TYR A 20 19.86 -4.41 23.01
CA TYR A 20 18.77 -5.37 23.01
C TYR A 20 19.18 -6.70 22.39
N LEU A 21 19.88 -6.63 21.27
CA LEU A 21 20.32 -7.84 20.60
C LEU A 21 21.29 -8.65 21.45
N GLU A 22 22.10 -7.95 22.24
CA GLU A 22 23.05 -8.63 23.12
C GLU A 22 22.29 -9.34 24.23
N GLU A 23 21.30 -8.66 24.78
CA GLU A 23 20.49 -9.21 25.84
C GLU A 23 19.68 -10.42 25.39
N GLN A 24 19.09 -10.31 24.20
CA GLN A 24 18.26 -11.37 23.65
C GLN A 24 19.01 -12.44 22.85
N LYS A 25 20.28 -12.19 22.56
CA LYS A 25 21.07 -13.13 21.74
C LYS A 25 20.28 -13.29 20.45
N ALA A 26 19.96 -12.16 19.82
CA ALA A 26 19.17 -12.15 18.61
C ALA A 26 19.89 -11.47 17.46
N ILE A 27 19.32 -11.58 16.28
CA ILE A 27 19.89 -10.96 15.09
C ILE A 27 18.81 -10.14 14.41
N THR A 28 19.23 -9.15 13.62
CA THR A 28 18.28 -8.31 12.90
C THR A 28 18.16 -8.80 11.47
N ALA A 29 17.07 -8.42 10.81
CA ALA A 29 16.88 -8.77 9.41
C ALA A 29 17.83 -7.81 8.68
N PRO A 30 18.73 -8.34 7.85
CA PRO A 30 19.64 -7.44 7.13
C PRO A 30 18.91 -6.46 6.24
N VAL A 31 19.49 -5.27 6.10
CA VAL A 31 18.92 -4.22 5.26
C VAL A 31 18.72 -4.72 3.83
N SER A 32 19.60 -5.63 3.39
CA SER A 32 19.53 -6.18 2.04
C SER A 32 18.25 -6.96 1.74
N LEU A 33 17.53 -7.35 2.79
CA LEU A 33 16.30 -8.11 2.60
C LEU A 33 15.12 -7.20 2.29
N PHE A 34 15.31 -5.90 2.50
CA PHE A 34 14.26 -4.91 2.27
C PHE A 34 14.37 -4.20 0.93
N GLN A 35 13.25 -3.62 0.50
CA GLN A 35 13.26 -2.85 -0.74
C GLN A 35 13.95 -1.55 -0.37
N ASP A 36 14.62 -0.92 -1.32
CA ASP A 36 15.31 0.34 -1.03
C ASP A 36 14.38 1.35 -0.38
N SER A 37 13.13 1.42 -0.86
CA SER A 37 12.18 2.38 -0.32
C SER A 37 11.80 2.13 1.14
N GLN A 38 11.91 0.89 1.60
CA GLN A 38 11.59 0.57 2.99
C GLN A 38 12.78 0.87 3.90
N ALA A 39 13.97 0.81 3.32
CA ALA A 39 15.19 1.01 4.09
C ALA A 39 15.82 2.41 4.08
N VAL A 40 15.56 3.20 3.04
CA VAL A 40 16.17 4.52 2.96
C VAL A 40 15.86 5.42 4.17
N THR A 41 16.90 5.93 4.81
CA THR A 41 16.76 6.79 5.97
C THR A 41 17.37 8.18 5.82
N HIS A 42 18.14 8.40 4.77
CA HIS A 42 18.79 9.70 4.60
C HIS A 42 18.02 10.78 3.84
N ASN A 43 16.78 10.50 3.45
CA ASN A 43 15.98 11.51 2.75
C ASN A 43 15.33 12.42 3.78
N LYS A 44 15.30 13.72 3.50
CA LYS A 44 14.68 14.67 4.41
C LYS A 44 13.17 14.69 4.17
N ASN A 45 12.40 14.82 5.23
CA ASN A 45 10.95 14.89 5.11
C ASN A 45 10.63 16.39 5.04
N GLY A 46 10.34 16.88 3.84
CA GLY A 46 10.05 18.28 3.65
C GLY A 46 8.61 18.70 3.86
N PHE A 47 7.74 17.73 4.14
CA PHE A 47 6.34 18.05 4.36
C PHE A 47 6.14 18.80 5.67
N LYS A 48 5.26 19.80 5.63
CA LYS A 48 4.99 20.59 6.81
C LYS A 48 3.52 20.64 7.15
N LEU A 49 3.26 20.75 8.44
CA LEU A 49 1.92 20.83 8.98
C LEU A 49 1.08 21.85 8.20
N GLY A 50 -0.10 21.43 7.74
CA GLY A 50 -0.97 22.32 7.00
C GLY A 50 -0.85 22.32 5.49
N MET A 51 0.24 21.75 4.96
CA MET A 51 0.41 21.71 3.51
C MET A 51 -0.70 20.86 2.89
N LYS A 52 -1.16 21.26 1.71
CA LYS A 52 -2.21 20.50 1.04
C LYS A 52 -1.67 19.76 -0.18
N LEU A 53 -2.33 18.65 -0.51
CA LEU A 53 -1.92 17.83 -1.64
C LEU A 53 -3.06 16.92 -2.09
N GLU A 54 -2.74 15.98 -2.97
CA GLU A 54 -3.72 15.04 -3.51
C GLU A 54 -3.27 13.62 -3.18
N GLY A 55 -4.22 12.70 -3.10
CA GLY A 55 -3.83 11.33 -2.79
C GLY A 55 -4.96 10.37 -2.96
N ILE A 56 -4.63 9.08 -3.10
CA ILE A 56 -5.68 8.08 -3.23
C ILE A 56 -6.25 7.78 -1.86
N ASP A 57 -7.50 7.34 -1.84
CA ASP A 57 -8.16 6.95 -0.60
C ASP A 57 -7.67 5.51 -0.42
N PRO A 58 -6.90 5.24 0.64
CA PRO A 58 -6.38 3.88 0.88
C PRO A 58 -7.45 2.78 0.86
N GLN A 59 -8.66 3.10 1.31
CA GLN A 59 -9.72 2.10 1.32
C GLN A 59 -10.70 2.17 0.15
N HIS A 60 -10.36 2.99 -0.85
CA HIS A 60 -11.17 3.13 -2.06
C HIS A 60 -10.13 3.67 -3.03
N PRO A 61 -9.10 2.86 -3.31
CA PRO A 61 -7.95 3.10 -4.17
C PRO A 61 -8.11 3.75 -5.54
N SER A 62 -9.32 3.69 -6.10
CA SER A 62 -9.57 4.27 -7.41
C SER A 62 -9.92 5.74 -7.31
N MET A 63 -10.19 6.20 -6.09
CA MET A 63 -10.59 7.59 -5.85
C MET A 63 -9.47 8.48 -5.33
N TYR A 64 -9.49 9.73 -5.77
CA TYR A 64 -8.50 10.73 -5.38
C TYR A 64 -9.16 11.86 -4.60
N PHE A 65 -8.55 12.25 -3.49
CA PHE A 65 -9.06 13.31 -2.62
C PHE A 65 -8.01 14.38 -2.31
N ILE A 66 -8.50 15.52 -1.82
CA ILE A 66 -7.64 16.61 -1.40
C ILE A 66 -7.26 16.25 0.04
N LEU A 67 -5.97 16.28 0.35
CA LEU A 67 -5.50 15.93 1.68
C LEU A 67 -4.66 17.03 2.31
N THR A 68 -4.64 17.08 3.64
CA THR A 68 -3.85 18.07 4.36
C THR A 68 -2.90 17.35 5.33
N VAL A 69 -1.69 17.87 5.47
CA VAL A 69 -0.75 17.27 6.40
C VAL A 69 -1.21 17.67 7.80
N ALA A 70 -1.67 16.68 8.57
CA ALA A 70 -2.17 16.92 9.92
C ALA A 70 -1.11 16.73 11.00
N GLU A 71 -0.06 15.99 10.67
CA GLU A 71 1.00 15.72 11.61
C GLU A 71 2.23 15.23 10.87
N VAL A 72 3.40 15.54 11.41
CA VAL A 72 4.66 15.10 10.82
C VAL A 72 5.44 14.42 11.94
N CYS A 73 5.96 13.23 11.66
CA CYS A 73 6.74 12.50 12.64
C CYS A 73 7.81 11.73 11.90
N GLY A 74 9.07 12.15 12.06
CA GLY A 74 10.14 11.48 11.37
C GLY A 74 9.95 11.56 9.86
N TYR A 75 10.02 10.42 9.19
CA TYR A 75 9.85 10.35 7.74
C TYR A 75 8.41 10.01 7.39
N ARG A 76 7.50 10.18 8.35
CA ARG A 76 6.10 9.89 8.12
C ARG A 76 5.23 11.12 8.31
N LEU A 77 4.00 11.03 7.81
CA LEU A 77 3.05 12.12 7.95
C LEU A 77 1.64 11.56 8.05
N ARG A 78 0.80 12.25 8.82
CA ARG A 78 -0.58 11.85 8.97
C ARG A 78 -1.36 12.77 8.04
N LEU A 79 -2.19 12.18 7.19
CA LEU A 79 -2.98 12.94 6.25
C LEU A 79 -4.44 12.97 6.64
N HIS A 80 -5.07 14.11 6.39
CA HIS A 80 -6.46 14.35 6.72
C HIS A 80 -7.27 14.67 5.46
N PHE A 81 -8.44 14.06 5.32
CA PHE A 81 -9.30 14.32 4.16
C PHE A 81 -10.02 15.64 4.40
N ASP A 82 -9.62 16.68 3.67
CA ASP A 82 -10.22 18.00 3.81
C ASP A 82 -11.74 17.99 3.91
N GLY A 83 -12.26 18.61 4.98
CA GLY A 83 -13.69 18.71 5.19
C GLY A 83 -14.37 17.54 5.89
N TYR A 84 -13.71 16.40 5.91
CA TYR A 84 -14.27 15.21 6.52
C TYR A 84 -13.79 14.92 7.94
N SER A 85 -14.40 13.92 8.57
CA SER A 85 -14.07 13.53 9.94
C SER A 85 -12.62 13.06 10.07
N GLU A 86 -12.01 13.36 11.22
CA GLU A 86 -10.63 12.96 11.44
C GLU A 86 -10.49 11.45 11.64
N CYS A 87 -11.62 10.75 11.74
CA CYS A 87 -11.55 9.30 11.92
C CYS A 87 -10.99 8.63 10.66
N HIS A 88 -10.97 9.37 9.55
CA HIS A 88 -10.47 8.85 8.28
C HIS A 88 -8.98 9.13 8.09
N ASP A 89 -8.37 9.87 9.02
CA ASP A 89 -6.95 10.19 8.91
C ASP A 89 -6.11 8.93 8.76
N PHE A 90 -5.02 9.02 8.02
CA PHE A 90 -4.14 7.88 7.82
C PHE A 90 -2.69 8.31 7.68
N TRP A 91 -1.78 7.38 7.94
CA TRP A 91 -0.35 7.65 7.88
C TRP A 91 0.34 7.08 6.64
N VAL A 92 1.29 7.83 6.10
CA VAL A 92 2.08 7.40 4.96
C VAL A 92 3.52 7.85 5.19
N ASN A 93 4.44 7.31 4.41
CA ASN A 93 5.85 7.69 4.50
C ASN A 93 6.01 8.82 3.49
N ALA A 94 7.02 9.66 3.69
CA ALA A 94 7.26 10.78 2.79
C ALA A 94 7.59 10.35 1.37
N ASN A 95 7.97 9.08 1.18
CA ASN A 95 8.28 8.59 -0.17
C ASN A 95 7.14 7.74 -0.73
N SER A 96 5.95 7.96 -0.19
CA SER A 96 4.77 7.23 -0.65
C SER A 96 4.44 7.56 -2.11
N PRO A 97 4.09 6.55 -2.91
CA PRO A 97 3.74 6.76 -4.31
C PRO A 97 2.25 7.02 -4.45
N ASP A 98 1.54 7.01 -3.32
CA ASP A 98 0.09 7.19 -3.32
C ASP A 98 -0.37 8.61 -3.07
N ILE A 99 0.57 9.55 -3.07
CA ILE A 99 0.24 10.96 -2.89
C ILE A 99 0.83 11.72 -4.07
N HIS A 100 0.21 12.84 -4.42
CA HIS A 100 0.68 13.64 -5.54
C HIS A 100 0.51 15.13 -5.27
N PRO A 101 1.29 15.97 -5.96
CA PRO A 101 1.17 17.41 -5.73
C PRO A 101 -0.12 18.01 -6.29
N ALA A 102 -0.52 19.14 -5.74
CA ALA A 102 -1.72 19.83 -6.20
C ALA A 102 -1.62 20.07 -7.70
N GLY A 103 -2.67 19.74 -8.44
CA GLY A 103 -2.66 19.93 -9.88
C GLY A 103 -2.39 18.65 -10.65
N TRP A 104 -2.06 17.58 -9.93
CA TRP A 104 -1.76 16.32 -10.57
C TRP A 104 -2.93 15.67 -11.31
N PHE A 105 -4.12 15.63 -10.71
CA PHE A 105 -5.24 14.99 -11.39
C PHE A 105 -5.66 15.69 -12.68
N GLU A 106 -5.57 17.02 -12.70
CA GLU A 106 -5.93 17.78 -13.90
C GLU A 106 -4.93 17.49 -15.00
N LYS A 107 -3.66 17.46 -14.63
CA LYS A 107 -2.57 17.22 -15.57
C LYS A 107 -2.57 15.80 -16.15
N THR A 108 -3.06 14.84 -15.37
CA THR A 108 -3.07 13.45 -15.82
C THR A 108 -4.41 12.89 -16.26
N GLY A 109 -5.44 13.73 -16.26
CA GLY A 109 -6.76 13.29 -16.69
C GLY A 109 -7.58 12.52 -15.67
N HIS A 110 -7.20 12.59 -14.40
CA HIS A 110 -7.96 11.90 -13.36
C HIS A 110 -9.03 12.80 -12.77
N LYS A 111 -9.97 12.17 -12.06
CA LYS A 111 -11.07 12.88 -11.43
C LYS A 111 -10.77 13.07 -9.95
N LEU A 112 -11.30 14.16 -9.39
CA LEU A 112 -11.11 14.46 -7.98
C LEU A 112 -12.42 14.42 -7.21
N GLN A 113 -12.36 13.85 -6.01
CA GLN A 113 -13.53 13.82 -5.14
C GLN A 113 -13.29 15.06 -4.29
N PRO A 114 -14.07 16.13 -4.52
CA PRO A 114 -13.94 17.40 -3.79
C PRO A 114 -14.07 17.35 -2.27
N PRO A 115 -13.60 18.40 -1.59
CA PRO A 115 -13.69 18.45 -0.12
C PRO A 115 -15.17 18.46 0.25
N LYS A 116 -15.49 18.05 1.47
CA LYS A 116 -16.89 18.03 1.89
C LYS A 116 -17.54 19.39 1.70
N GLY A 117 -18.76 19.40 1.18
CA GLY A 117 -19.46 20.65 0.95
C GLY A 117 -19.23 21.26 -0.42
N TYR A 118 -18.28 20.71 -1.16
CA TYR A 118 -17.95 21.21 -2.49
C TYR A 118 -18.47 20.30 -3.60
N LYS A 119 -18.85 20.92 -4.72
CA LYS A 119 -19.29 20.17 -5.89
C LYS A 119 -18.02 20.10 -6.73
N GLU A 120 -17.85 19.02 -7.49
CA GLU A 120 -16.65 18.86 -8.30
C GLU A 120 -16.32 20.09 -9.15
N GLU A 121 -17.37 20.83 -9.54
CA GLU A 121 -17.18 22.02 -10.37
C GLU A 121 -16.85 23.27 -9.55
N GLU A 122 -17.14 23.25 -8.26
CA GLU A 122 -16.87 24.39 -7.40
C GLU A 122 -15.44 24.39 -6.88
N PHE A 123 -14.66 23.40 -7.30
CA PHE A 123 -13.28 23.31 -6.84
C PHE A 123 -12.22 23.74 -7.85
N SER A 124 -11.27 24.52 -7.36
CA SER A 124 -10.13 24.99 -8.14
C SER A 124 -9.05 25.25 -7.10
N TRP A 125 -7.85 24.72 -7.33
CA TRP A 125 -6.76 24.88 -6.38
C TRP A 125 -6.44 26.32 -6.00
N SER A 126 -6.43 27.22 -6.98
CA SER A 126 -6.13 28.62 -6.71
C SER A 126 -7.09 29.23 -5.68
N GLN A 127 -8.39 29.03 -5.89
CA GLN A 127 -9.38 29.57 -4.97
C GLN A 127 -9.37 28.84 -3.64
N TYR A 128 -9.23 27.52 -3.69
CA TYR A 128 -9.22 26.72 -2.47
C TYR A 128 -8.11 27.15 -1.52
N LEU A 129 -6.92 27.36 -2.06
CA LEU A 129 -5.78 27.77 -1.24
C LEU A 129 -6.04 29.15 -0.64
N ARG A 130 -6.75 29.99 -1.38
CA ARG A 130 -7.08 31.33 -0.87
C ARG A 130 -8.09 31.21 0.27
N SER A 131 -9.14 30.43 0.04
CA SER A 131 -10.18 30.24 1.04
C SER A 131 -9.65 29.61 2.33
N THR A 132 -8.71 28.69 2.20
CA THR A 132 -8.15 28.01 3.36
C THR A 132 -6.86 28.64 3.88
N ARG A 133 -6.37 29.66 3.18
CA ARG A 133 -5.15 30.35 3.58
C ARG A 133 -4.02 29.37 3.83
N ALA A 134 -3.92 28.40 2.93
CA ALA A 134 -2.91 27.38 3.04
C ALA A 134 -2.00 27.37 1.83
N GLN A 135 -0.98 26.54 1.89
CA GLN A 135 -0.02 26.40 0.80
C GLN A 135 -0.03 24.95 0.36
N ALA A 136 0.26 24.72 -0.92
CA ALA A 136 0.30 23.36 -1.45
C ALA A 136 1.71 22.83 -1.24
N ALA A 137 1.82 21.55 -0.91
CA ALA A 137 3.13 20.95 -0.71
C ALA A 137 3.89 21.08 -2.03
N PRO A 138 5.13 21.57 -1.99
CA PRO A 138 5.93 21.72 -3.21
C PRO A 138 6.09 20.43 -4.01
N LYS A 139 6.08 20.56 -5.34
CA LYS A 139 6.19 19.42 -6.25
C LYS A 139 7.41 18.52 -6.09
N HIS A 140 8.56 19.11 -5.76
CA HIS A 140 9.78 18.32 -5.65
C HIS A 140 9.81 17.25 -4.56
N LEU A 141 8.77 17.19 -3.73
CA LEU A 141 8.73 16.20 -2.65
C LEU A 141 8.14 14.86 -3.07
N PHE A 142 7.35 14.86 -4.14
CA PHE A 142 6.68 13.65 -4.59
C PHE A 142 7.44 12.70 -5.51
N VAL A 143 7.45 11.41 -5.15
CA VAL A 143 8.15 10.42 -5.96
C VAL A 143 7.29 10.03 -7.17
N SER A 144 5.98 10.26 -7.09
CA SER A 144 5.08 9.95 -8.20
C SER A 144 4.35 11.20 -8.67
N GLN A 145 4.68 11.64 -9.89
CA GLN A 145 4.07 12.84 -10.47
C GLN A 145 3.71 12.59 -11.93
N SER A 146 3.68 11.32 -12.31
CA SER A 146 3.37 10.95 -13.68
C SER A 146 4.42 11.51 -14.64
N HIS A 147 5.68 11.42 -14.22
CA HIS A 147 6.84 11.88 -14.99
C HIS A 147 7.71 10.68 -15.32
N SER A 148 7.40 9.53 -14.74
CA SER A 148 8.20 8.34 -14.97
C SER A 148 7.55 7.37 -15.94
N PRO A 149 8.33 6.42 -16.47
CA PRO A 149 7.84 5.42 -17.41
C PRO A 149 6.74 4.54 -16.84
N PRO A 150 5.67 4.32 -17.61
CA PRO A 150 4.55 3.49 -17.19
C PRO A 150 4.95 2.03 -17.09
N PRO A 151 4.14 1.20 -16.42
CA PRO A 151 4.47 -0.22 -16.28
C PRO A 151 4.44 -0.90 -17.64
N LEU A 152 5.56 -1.53 -18.00
CA LEU A 152 5.68 -2.20 -19.29
C LEU A 152 4.64 -3.28 -19.52
N GLY A 153 3.86 -3.13 -20.58
CA GLY A 153 2.85 -4.12 -20.92
C GLY A 153 1.50 -4.02 -20.26
N PHE A 154 1.33 -3.10 -19.32
CA PHE A 154 0.05 -2.93 -18.63
C PHE A 154 -0.64 -1.63 -19.00
N GLN A 155 -1.79 -1.73 -19.66
CA GLN A 155 -2.54 -0.55 -20.05
C GLN A 155 -3.98 -0.65 -19.58
N VAL A 156 -4.59 0.50 -19.32
CA VAL A 156 -5.97 0.55 -18.89
C VAL A 156 -6.83 -0.22 -19.91
N GLY A 157 -7.70 -1.08 -19.40
CA GLY A 157 -8.56 -1.85 -20.28
C GLY A 157 -8.16 -3.30 -20.47
N MET A 158 -6.89 -3.62 -20.23
CA MET A 158 -6.43 -4.99 -20.38
C MET A 158 -6.98 -5.86 -19.26
N LYS A 159 -7.11 -7.15 -19.53
CA LYS A 159 -7.62 -8.06 -18.52
C LYS A 159 -6.58 -9.07 -18.05
N LEU A 160 -6.81 -9.60 -16.85
CA LEU A 160 -5.89 -10.57 -16.27
C LEU A 160 -6.63 -11.33 -15.17
N GLU A 161 -5.89 -12.19 -14.48
CA GLU A 161 -6.44 -12.94 -13.36
C GLU A 161 -5.72 -12.42 -12.13
N ALA A 162 -6.46 -12.15 -11.06
CA ALA A 162 -5.81 -11.63 -9.86
C ALA A 162 -6.41 -12.19 -8.59
N VAL A 163 -5.56 -12.30 -7.58
CA VAL A 163 -5.98 -12.80 -6.28
C VAL A 163 -6.66 -11.66 -5.53
N ASP A 164 -7.80 -11.96 -4.93
CA ASP A 164 -8.51 -10.96 -4.15
C ASP A 164 -7.73 -10.98 -2.83
N ARG A 165 -6.93 -9.96 -2.61
CA ARG A 165 -6.10 -9.93 -1.40
C ARG A 165 -6.89 -9.85 -0.09
N MET A 166 -8.19 -9.61 -0.18
CA MET A 166 -9.04 -9.56 1.00
C MET A 166 -9.70 -10.92 1.19
N ASN A 167 -9.64 -11.72 0.12
CA ASN A 167 -10.19 -13.08 0.10
C ASN A 167 -9.25 -13.88 -0.80
N PRO A 168 -8.00 -14.04 -0.36
CA PRO A 168 -6.90 -14.74 -1.04
C PRO A 168 -7.10 -16.14 -1.60
N SER A 169 -8.19 -16.80 -1.25
CA SER A 169 -8.42 -18.14 -1.79
C SER A 169 -9.08 -18.00 -3.17
N LEU A 170 -9.45 -16.77 -3.50
CA LEU A 170 -10.11 -16.47 -4.77
C LEU A 170 -9.19 -15.83 -5.80
N VAL A 171 -9.11 -16.44 -6.98
CA VAL A 171 -8.32 -15.90 -8.08
C VAL A 171 -9.46 -15.50 -9.02
N CYS A 172 -9.47 -14.24 -9.44
CA CYS A 172 -10.59 -13.74 -10.23
C CYS A 172 -10.33 -13.01 -11.54
N VAL A 173 -11.41 -12.88 -12.31
CA VAL A 173 -11.39 -12.16 -13.58
C VAL A 173 -11.22 -10.69 -13.20
N ALA A 174 -10.17 -10.06 -13.71
CA ALA A 174 -9.88 -8.69 -13.37
C ALA A 174 -9.44 -7.83 -14.56
N SER A 175 -9.41 -6.52 -14.32
CA SER A 175 -9.04 -5.55 -15.33
C SER A 175 -8.10 -4.47 -14.78
N VAL A 176 -7.32 -3.86 -15.65
CA VAL A 176 -6.45 -2.76 -15.25
C VAL A 176 -7.35 -1.54 -15.48
N THR A 177 -7.58 -0.74 -14.45
CA THR A 177 -8.47 0.42 -14.61
C THR A 177 -7.79 1.77 -14.46
N ASP A 178 -6.52 1.76 -14.07
CA ASP A 178 -5.78 3.00 -13.91
C ASP A 178 -4.29 2.68 -13.97
N VAL A 179 -3.51 3.66 -14.41
CA VAL A 179 -2.07 3.51 -14.49
C VAL A 179 -1.46 4.83 -14.09
N VAL A 180 -0.59 4.79 -13.09
CA VAL A 180 0.07 6.00 -12.61
C VAL A 180 1.52 5.66 -12.41
N ASP A 181 2.38 6.29 -13.20
CA ASP A 181 3.81 6.05 -13.14
C ASP A 181 4.15 4.56 -13.31
N SER A 182 4.87 3.99 -12.36
CA SER A 182 5.28 2.59 -12.47
C SER A 182 4.25 1.54 -12.01
N ARG A 183 3.07 1.99 -11.59
CA ARG A 183 2.08 1.04 -11.10
C ARG A 183 0.73 1.12 -11.81
N PHE A 184 -0.09 0.10 -11.58
CA PHE A 184 -1.42 0.05 -12.18
C PHE A 184 -2.43 -0.42 -11.15
N LEU A 185 -3.70 -0.12 -11.40
CA LEU A 185 -4.78 -0.48 -10.49
C LEU A 185 -5.53 -1.70 -10.96
N VAL A 186 -5.57 -2.72 -10.11
CA VAL A 186 -6.27 -3.97 -10.40
C VAL A 186 -7.71 -3.85 -9.90
N HIS A 187 -8.65 -4.11 -10.80
CA HIS A 187 -10.08 -4.04 -10.49
C HIS A 187 -10.75 -5.38 -10.77
N PHE A 188 -11.66 -5.78 -9.91
CA PHE A 188 -12.37 -7.05 -10.09
C PHE A 188 -13.67 -6.77 -10.82
N ASP A 189 -13.76 -7.30 -12.04
CA ASP A 189 -14.91 -7.08 -12.90
C ASP A 189 -16.30 -7.20 -12.28
N ASN A 190 -17.04 -6.11 -12.36
CA ASN A 190 -18.40 -5.99 -11.85
C ASN A 190 -18.52 -6.14 -10.34
N TRP A 191 -17.40 -6.04 -9.64
CA TRP A 191 -17.41 -6.10 -8.18
C TRP A 191 -17.19 -4.68 -7.68
N ASP A 192 -17.44 -4.46 -6.39
CA ASP A 192 -17.27 -3.13 -5.82
C ASP A 192 -15.82 -2.66 -5.98
N ASP A 193 -15.66 -1.36 -6.21
CA ASP A 193 -14.32 -0.80 -6.39
C ASP A 193 -13.46 -0.85 -5.13
N THR A 194 -14.06 -1.07 -3.96
CA THR A 194 -13.23 -1.11 -2.75
C THR A 194 -12.42 -2.39 -2.62
N TYR A 195 -12.51 -3.28 -3.61
CA TYR A 195 -11.72 -4.50 -3.61
C TYR A 195 -10.47 -4.24 -4.48
N ASP A 196 -10.41 -3.06 -5.11
CA ASP A 196 -9.28 -2.69 -5.96
C ASP A 196 -7.97 -2.56 -5.16
N TYR A 197 -6.85 -2.66 -5.86
CA TYR A 197 -5.55 -2.45 -5.24
C TYR A 197 -4.51 -2.15 -6.30
N TRP A 198 -3.58 -1.26 -5.97
CA TRP A 198 -2.51 -0.88 -6.89
C TRP A 198 -1.45 -1.96 -6.89
N CYS A 199 -0.84 -2.17 -8.05
CA CYS A 199 0.13 -3.23 -8.21
C CYS A 199 1.22 -2.87 -9.22
N ASP A 200 2.29 -3.66 -9.26
CA ASP A 200 3.34 -3.45 -10.24
C ASP A 200 3.52 -4.82 -10.93
N PRO A 201 4.22 -4.87 -12.07
CA PRO A 201 4.46 -6.09 -12.84
C PRO A 201 5.04 -7.29 -12.10
N SER A 202 5.66 -7.06 -10.94
CA SER A 202 6.28 -8.15 -10.19
C SER A 202 5.42 -8.72 -9.08
N SER A 203 4.20 -8.21 -8.93
CA SER A 203 3.33 -8.70 -7.88
C SER A 203 3.02 -10.19 -7.98
N PRO A 204 3.08 -10.90 -6.85
CA PRO A 204 2.79 -12.33 -6.84
C PRO A 204 1.29 -12.60 -6.82
N TYR A 205 0.49 -11.54 -6.87
CA TYR A 205 -0.96 -11.68 -6.82
C TYR A 205 -1.68 -11.56 -8.16
N ILE A 206 -0.91 -11.39 -9.23
CA ILE A 206 -1.52 -11.27 -10.55
C ILE A 206 -0.99 -12.34 -11.47
N HIS A 207 -1.82 -12.76 -12.43
CA HIS A 207 -1.46 -13.79 -13.39
C HIS A 207 -2.10 -13.51 -14.74
N PRO A 208 -1.52 -14.06 -15.81
CA PRO A 208 -2.10 -13.83 -17.13
C PRO A 208 -3.38 -14.64 -17.32
N VAL A 209 -4.20 -14.20 -18.26
CA VAL A 209 -5.45 -14.88 -18.59
C VAL A 209 -5.13 -16.34 -18.89
N GLY A 210 -5.88 -17.25 -18.27
CA GLY A 210 -5.66 -18.68 -18.51
C GLY A 210 -4.84 -19.38 -17.44
N TRP A 211 -4.29 -18.62 -16.51
CA TRP A 211 -3.46 -19.20 -15.44
C TRP A 211 -4.22 -20.25 -14.63
N CYS A 212 -5.42 -19.91 -14.17
CA CYS A 212 -6.23 -20.83 -13.38
C CYS A 212 -6.47 -22.16 -14.09
N GLN A 213 -6.78 -22.10 -15.38
CA GLN A 213 -7.04 -23.32 -16.14
C GLN A 213 -5.79 -24.19 -16.19
N LYS A 214 -4.63 -23.57 -16.36
CA LYS A 214 -3.37 -24.30 -16.43
C LYS A 214 -2.97 -24.85 -15.07
N GLN A 215 -3.43 -24.19 -14.00
CA GLN A 215 -3.10 -24.62 -12.65
C GLN A 215 -4.13 -25.57 -12.05
N GLY A 216 -5.27 -25.70 -12.73
CA GLY A 216 -6.33 -26.57 -12.22
C GLY A 216 -7.01 -25.92 -11.03
N LYS A 217 -6.99 -24.58 -11.00
CA LYS A 217 -7.60 -23.82 -9.93
C LYS A 217 -8.90 -23.18 -10.39
N PRO A 218 -9.89 -23.07 -9.50
CA PRO A 218 -11.17 -22.47 -9.87
C PRO A 218 -11.02 -20.96 -10.09
N LEU A 219 -11.62 -20.47 -11.17
CA LEU A 219 -11.56 -19.04 -11.50
C LEU A 219 -12.88 -18.38 -11.14
N THR A 220 -12.81 -17.27 -10.41
CA THR A 220 -13.99 -16.54 -10.01
C THR A 220 -14.36 -15.53 -11.11
N PRO A 221 -15.48 -15.76 -11.79
CA PRO A 221 -15.95 -14.87 -12.87
C PRO A 221 -16.48 -13.54 -12.36
N PRO A 222 -16.78 -12.60 -13.27
CA PRO A 222 -17.30 -11.29 -12.87
C PRO A 222 -18.54 -11.52 -12.01
N GLN A 223 -18.80 -10.60 -11.09
CA GLN A 223 -19.97 -10.75 -10.23
C GLN A 223 -21.25 -10.87 -11.05
N ASP A 224 -22.08 -11.84 -10.67
CA ASP A 224 -23.36 -12.09 -11.34
C ASP A 224 -23.26 -12.41 -12.83
N TYR A 225 -22.14 -12.98 -13.26
CA TYR A 225 -21.98 -13.32 -14.67
C TYR A 225 -23.00 -14.40 -15.01
N PRO A 226 -23.77 -14.20 -16.09
CA PRO A 226 -24.78 -15.17 -16.50
C PRO A 226 -24.20 -16.56 -16.74
N ASP A 227 -24.79 -17.58 -16.11
CA ASP A 227 -24.30 -18.94 -16.26
C ASP A 227 -22.81 -18.93 -15.96
N PRO A 228 -22.44 -18.52 -14.74
CA PRO A 228 -21.05 -18.42 -14.28
C PRO A 228 -20.25 -19.71 -14.40
N ASP A 229 -20.94 -20.86 -14.35
CA ASP A 229 -20.25 -22.14 -14.45
C ASP A 229 -19.67 -22.34 -15.84
N ASN A 230 -20.21 -21.62 -16.82
CA ASN A 230 -19.73 -21.73 -18.19
C ASN A 230 -18.94 -20.51 -18.63
N PHE A 231 -18.33 -19.80 -17.68
CA PHE A 231 -17.55 -18.62 -18.04
C PHE A 231 -16.41 -19.04 -18.95
N CYS A 232 -16.20 -18.27 -20.01
CA CYS A 232 -15.15 -18.54 -20.98
C CYS A 232 -14.40 -17.25 -21.29
N TRP A 233 -13.09 -17.24 -21.03
CA TRP A 233 -12.27 -16.06 -21.30
C TRP A 233 -12.36 -15.60 -22.75
N GLU A 234 -12.21 -16.53 -23.69
CA GLU A 234 -12.28 -16.18 -25.10
C GLU A 234 -13.57 -15.45 -25.44
N LYS A 235 -14.68 -15.95 -24.92
CA LYS A 235 -15.98 -15.33 -25.17
C LYS A 235 -16.08 -13.98 -24.48
N TYR A 236 -15.60 -13.91 -23.24
CA TYR A 236 -15.64 -12.66 -22.48
C TYR A 236 -14.81 -11.57 -23.15
N LEU A 237 -13.65 -11.94 -23.66
CA LEU A 237 -12.78 -10.98 -24.33
C LEU A 237 -13.44 -10.48 -25.61
N GLU A 238 -14.22 -11.34 -26.26
CA GLU A 238 -14.90 -10.95 -27.48
C GLU A 238 -16.07 -10.04 -27.12
N GLU A 239 -16.76 -10.37 -26.04
CA GLU A 239 -17.90 -9.59 -25.58
C GLU A 239 -17.50 -8.17 -25.19
N THR A 240 -16.32 -8.05 -24.59
CA THR A 240 -15.82 -6.75 -24.13
C THR A 240 -14.90 -6.05 -25.11
N GLY A 241 -14.35 -6.81 -26.06
CA GLY A 241 -13.43 -6.24 -27.02
C GLY A 241 -12.11 -5.90 -26.36
N ALA A 242 -11.87 -6.46 -25.18
CA ALA A 242 -10.65 -6.20 -24.45
C ALA A 242 -9.53 -7.20 -24.73
N SER A 243 -8.30 -6.74 -24.52
CA SER A 243 -7.12 -7.56 -24.70
C SER A 243 -6.65 -8.07 -23.35
N ALA A 244 -5.94 -9.19 -23.37
CA ALA A 244 -5.38 -9.75 -22.14
C ALA A 244 -4.01 -9.13 -21.99
N VAL A 245 -3.60 -8.86 -20.76
CA VAL A 245 -2.27 -8.32 -20.54
C VAL A 245 -1.38 -9.41 -21.13
N PRO A 246 -0.38 -9.04 -21.95
CA PRO A 246 0.50 -10.07 -22.54
C PRO A 246 1.30 -10.80 -21.47
N THR A 247 1.50 -12.09 -21.67
CA THR A 247 2.24 -12.91 -20.73
C THR A 247 3.64 -12.38 -20.40
N TRP A 248 4.33 -11.83 -21.39
CA TRP A 248 5.67 -11.30 -21.18
C TRP A 248 5.75 -10.17 -20.15
N ALA A 249 4.63 -9.50 -19.92
CA ALA A 249 4.59 -8.37 -18.98
C ALA A 249 4.68 -8.79 -17.52
N PHE A 250 4.30 -10.03 -17.22
CA PHE A 250 4.34 -10.52 -15.85
C PHE A 250 5.75 -10.92 -15.48
N LYS A 251 6.31 -10.26 -14.48
CA LYS A 251 7.66 -10.51 -14.02
C LYS A 251 7.70 -10.66 -12.50
N VAL A 252 7.07 -11.72 -12.00
CA VAL A 252 7.00 -11.96 -10.57
C VAL A 252 8.34 -11.91 -9.84
N ARG A 253 8.32 -11.31 -8.66
CA ARG A 253 9.49 -11.16 -7.82
C ARG A 253 9.82 -12.48 -7.14
N PRO A 254 11.09 -12.69 -6.79
CA PRO A 254 11.46 -13.93 -6.11
C PRO A 254 10.98 -13.89 -4.67
N PRO A 255 10.88 -15.07 -4.02
CA PRO A 255 10.43 -15.09 -2.63
C PRO A 255 11.42 -14.29 -1.79
N HIS A 256 10.95 -13.68 -0.70
CA HIS A 256 11.82 -12.91 0.17
C HIS A 256 12.70 -13.88 0.95
N SER A 257 13.71 -13.33 1.64
CA SER A 257 14.62 -14.16 2.41
C SER A 257 14.60 -13.88 3.91
N PHE A 258 13.49 -13.36 4.42
CA PHE A 258 13.38 -13.11 5.85
C PHE A 258 13.28 -14.47 6.54
N LEU A 259 13.96 -14.60 7.67
CA LEU A 259 13.92 -15.86 8.42
C LEU A 259 13.26 -15.66 9.78
N VAL A 260 12.58 -16.69 10.27
CA VAL A 260 11.93 -16.60 11.56
C VAL A 260 12.94 -16.19 12.64
N ASN A 261 12.48 -15.33 13.55
CA ASN A 261 13.25 -14.78 14.67
C ASN A 261 14.08 -13.55 14.36
N MET A 262 14.21 -13.18 13.09
CA MET A 262 14.95 -11.97 12.74
C MET A 262 14.16 -10.80 13.29
N LYS A 263 14.85 -9.77 13.77
CA LYS A 263 14.15 -8.62 14.31
C LYS A 263 14.14 -7.42 13.36
N LEU A 264 13.12 -6.60 13.49
CA LEU A 264 12.96 -5.41 12.64
C LEU A 264 12.01 -4.44 13.32
N GLU A 265 11.58 -3.42 12.57
CA GLU A 265 10.65 -2.43 13.09
C GLU A 265 9.39 -2.46 12.22
N ALA A 266 8.22 -2.30 12.83
CA ALA A 266 6.98 -2.32 12.07
C ALA A 266 5.93 -1.40 12.66
N VAL A 267 5.17 -0.75 11.80
CA VAL A 267 4.11 0.15 12.25
C VAL A 267 3.03 -0.69 12.94
N ASP A 268 2.51 -0.16 14.05
CA ASP A 268 1.46 -0.83 14.80
C ASP A 268 0.18 -0.77 13.97
N ARG A 269 -0.52 -1.90 13.88
CA ARG A 269 -1.74 -1.96 13.09
C ARG A 269 -2.98 -1.44 13.83
N ARG A 270 -2.92 -1.36 15.16
CA ARG A 270 -4.05 -0.88 15.95
C ARG A 270 -4.00 0.64 16.16
N ASN A 271 -2.79 1.18 16.31
CA ASN A 271 -2.59 2.62 16.46
C ASN A 271 -1.42 2.92 15.53
N PRO A 272 -1.70 3.23 14.26
CA PRO A 272 -0.69 3.53 13.25
C PRO A 272 0.29 4.65 13.52
N ALA A 273 0.05 5.43 14.57
CA ALA A 273 0.98 6.50 14.91
C ALA A 273 2.26 5.88 15.47
N LEU A 274 2.13 4.67 16.02
CA LEU A 274 3.26 3.99 16.65
C LEU A 274 4.00 2.97 15.81
N ILE A 275 5.28 2.83 16.09
CA ILE A 275 6.12 1.84 15.44
C ILE A 275 6.80 1.10 16.59
N ARG A 276 6.82 -0.22 16.50
CA ARG A 276 7.37 -1.05 17.57
C ARG A 276 8.46 -2.02 17.15
N VAL A 277 9.20 -2.49 18.15
CA VAL A 277 10.24 -3.49 17.97
C VAL A 277 9.47 -4.75 17.57
N ALA A 278 9.91 -5.42 16.50
CA ALA A 278 9.22 -6.59 16.02
C ALA A 278 10.12 -7.75 15.67
N SER A 279 9.52 -8.94 15.58
CA SER A 279 10.21 -10.17 15.23
C SER A 279 9.44 -10.90 14.14
N VAL A 280 10.16 -11.64 13.30
CA VAL A 280 9.51 -12.43 12.27
C VAL A 280 9.02 -13.70 12.97
N GLU A 281 7.71 -13.87 13.03
CA GLU A 281 7.07 -15.00 13.71
C GLU A 281 6.92 -16.23 12.82
N ASP A 282 6.68 -16.00 11.53
CA ASP A 282 6.50 -17.10 10.58
C ASP A 282 6.71 -16.51 9.20
N VAL A 283 6.86 -17.36 8.19
CA VAL A 283 7.09 -16.87 6.85
C VAL A 283 6.38 -17.68 5.77
N GLU A 284 6.17 -17.01 4.63
CA GLU A 284 5.57 -17.60 3.43
C GLU A 284 6.50 -17.10 2.33
N ASP A 285 6.23 -17.49 1.08
CA ASP A 285 7.08 -17.03 -0.01
C ASP A 285 7.11 -15.51 -0.15
N HIS A 286 5.98 -14.87 0.05
CA HIS A 286 5.89 -13.42 -0.13
C HIS A 286 5.38 -12.62 1.05
N ARG A 287 5.10 -13.29 2.16
CA ARG A 287 4.61 -12.59 3.34
C ARG A 287 5.38 -13.03 4.56
N ILE A 288 5.34 -12.20 5.60
CA ILE A 288 5.99 -12.53 6.85
C ILE A 288 4.95 -12.24 7.92
N LYS A 289 5.02 -12.98 9.03
CA LYS A 289 4.09 -12.76 10.12
C LYS A 289 4.86 -11.97 11.16
N ILE A 290 4.29 -10.83 11.54
CA ILE A 290 4.92 -9.95 12.51
C ILE A 290 4.44 -10.22 13.93
N HIS A 291 5.39 -10.27 14.86
CA HIS A 291 5.09 -10.42 16.29
C HIS A 291 5.72 -9.21 16.96
N PHE A 292 4.97 -8.50 17.79
CA PHE A 292 5.55 -7.37 18.50
C PHE A 292 6.13 -7.87 19.81
N ASP A 293 7.45 -7.76 19.94
CA ASP A 293 8.16 -8.21 21.13
C ASP A 293 7.48 -7.80 22.44
N GLY A 294 7.22 -8.79 23.29
CA GLY A 294 6.61 -8.53 24.58
C GLY A 294 5.09 -8.58 24.62
N TRP A 295 4.47 -8.46 23.46
CA TRP A 295 3.02 -8.46 23.36
C TRP A 295 2.41 -9.82 23.07
N SER A 296 1.12 -9.94 23.40
CA SER A 296 0.38 -11.18 23.16
C SER A 296 0.45 -11.61 21.70
N HIS A 297 0.48 -12.92 21.47
CA HIS A 297 0.52 -13.41 20.10
C HIS A 297 -0.81 -13.16 19.41
N GLY A 298 -1.80 -12.72 20.19
CA GLY A 298 -3.10 -12.42 19.62
C GLY A 298 -3.01 -11.23 18.67
N TYR A 299 -1.92 -10.48 18.75
CA TYR A 299 -1.74 -9.31 17.88
C TYR A 299 -0.85 -9.61 16.68
N ASP A 300 -0.31 -10.82 16.59
CA ASP A 300 0.54 -11.19 15.46
C ASP A 300 -0.27 -11.06 14.16
N PHE A 301 0.37 -10.61 13.08
CA PHE A 301 -0.35 -10.44 11.84
C PHE A 301 0.50 -10.67 10.60
N TRP A 302 -0.13 -11.14 9.53
CA TRP A 302 0.56 -11.38 8.28
C TRP A 302 0.63 -10.08 7.49
N ILE A 303 1.73 -9.88 6.79
CA ILE A 303 1.92 -8.67 5.99
C ILE A 303 2.84 -8.99 4.82
N ASP A 304 2.62 -8.33 3.69
CA ASP A 304 3.49 -8.58 2.54
C ASP A 304 4.90 -8.07 2.81
N ALA A 305 5.89 -8.79 2.32
CA ALA A 305 7.28 -8.44 2.54
C ALA A 305 7.68 -7.09 1.96
N ASP A 306 6.90 -6.59 0.99
CA ASP A 306 7.20 -5.31 0.37
C ASP A 306 6.31 -4.20 0.92
N HIS A 307 5.60 -4.46 2.01
CA HIS A 307 4.71 -3.46 2.57
C HIS A 307 5.54 -2.25 3.03
N PRO A 308 5.05 -1.04 2.74
CA PRO A 308 5.80 0.16 3.15
C PRO A 308 5.94 0.41 4.65
N ASP A 309 5.21 -0.34 5.47
CA ASP A 309 5.27 -0.13 6.91
C ASP A 309 6.12 -1.11 7.74
N ILE A 310 7.06 -1.78 7.10
CA ILE A 310 8.00 -2.63 7.84
C ILE A 310 9.36 -2.06 7.44
N HIS A 311 10.28 -2.03 8.40
CA HIS A 311 11.60 -1.42 8.15
C HIS A 311 12.70 -2.13 8.90
N PRO A 312 13.95 -1.90 8.48
CA PRO A 312 15.05 -2.55 9.19
C PRO A 312 15.31 -1.85 10.51
N ALA A 313 15.93 -2.58 11.44
CA ALA A 313 16.27 -2.03 12.75
C ALA A 313 17.10 -0.75 12.53
N GLY A 314 16.76 0.30 13.27
CA GLY A 314 17.48 1.55 13.14
C GLY A 314 16.74 2.61 12.33
N TRP A 315 15.71 2.18 11.60
CA TRP A 315 14.94 3.10 10.77
C TRP A 315 14.35 4.26 11.58
N CYS A 316 13.70 3.96 12.70
CA CYS A 316 13.11 5.00 13.53
C CYS A 316 14.15 6.00 14.04
N SER A 317 15.24 5.47 14.58
CA SER A 317 16.30 6.33 15.12
C SER A 317 16.87 7.26 14.05
N LYS A 318 17.19 6.69 12.89
CA LYS A 318 17.78 7.47 11.79
C LYS A 318 16.83 8.48 11.16
N THR A 319 15.53 8.21 11.20
CA THR A 319 14.56 9.11 10.60
C THR A 319 13.94 10.09 11.59
N GLY A 320 14.16 9.86 12.88
CA GLY A 320 13.62 10.76 13.89
C GLY A 320 12.22 10.41 14.39
N HIS A 321 11.85 9.14 14.27
CA HIS A 321 10.53 8.66 14.71
C HIS A 321 10.70 7.90 16.02
N PRO A 322 9.79 8.11 16.98
CA PRO A 322 9.91 7.37 18.24
C PRO A 322 9.72 5.88 17.99
N LEU A 323 10.44 5.05 18.74
CA LEU A 323 10.31 3.59 18.62
C LEU A 323 9.81 3.06 19.95
N GLN A 324 8.75 2.26 19.92
CA GLN A 324 8.22 1.68 21.14
C GLN A 324 9.03 0.44 21.48
N PRO A 325 9.57 0.39 22.70
CA PRO A 325 10.36 -0.78 23.12
C PRO A 325 9.40 -1.91 23.46
N PRO A 326 9.92 -3.13 23.64
CA PRO A 326 9.08 -4.29 23.96
C PRO A 326 8.22 -4.03 25.19
N LEU A 327 7.05 -4.63 25.23
CA LEU A 327 6.15 -4.47 26.37
C LEU A 327 6.79 -5.17 27.56
N GLY A 328 6.67 -4.57 28.74
CA GLY A 328 7.24 -5.15 29.94
C GLY A 328 6.64 -6.48 30.32
N PRO A 329 7.37 -7.31 31.07
CA PRO A 329 6.88 -8.62 31.48
C PRO A 329 5.66 -8.60 32.41
N ARG A 330 4.77 -9.56 32.20
CA ARG A 330 3.56 -9.72 33.00
C ARG A 330 2.56 -8.56 32.96
N GLU A 331 2.74 -7.65 32.01
CA GLU A 331 1.80 -6.53 31.88
C GLU A 331 0.57 -7.02 31.16
N PRO A 332 -0.51 -6.21 31.16
CA PRO A 332 -1.71 -6.65 30.45
C PRO A 332 -1.34 -6.74 28.98
N SER A 333 -1.98 -7.65 28.25
CA SER A 333 -1.74 -7.82 26.81
C SER A 333 -0.36 -8.33 26.44
N SER A 334 0.36 -8.86 27.43
CA SER A 334 1.71 -9.35 27.18
C SER A 334 1.80 -10.84 26.93
N ALA A 335 2.99 -11.27 26.54
CA ALA A 335 3.27 -12.67 26.29
C ALA A 335 4.64 -12.93 26.90
N VAL A 336 4.79 -14.09 27.52
CA VAL A 336 6.05 -14.48 28.10
C VAL A 336 6.90 -14.97 26.93
N ASP A 337 7.39 -14.04 26.11
CA ASP A 337 8.18 -14.45 24.94
C ASP A 337 9.68 -14.26 25.10
N THR B 3 -21.74 -16.22 -6.46
CA THR B 3 -20.80 -16.29 -5.31
C THR B 3 -20.74 -14.97 -4.55
N LYS B 4 -20.64 -15.08 -3.23
CA LYS B 4 -20.61 -13.91 -2.37
C LYS B 4 -19.27 -13.75 -1.70
#